data_4J8S
#
_entry.id   4J8S
#
_cell.length_a   85.060
_cell.length_b   85.060
_cell.length_c   85.060
_cell.angle_alpha   90.00
_cell.angle_beta   90.00
_cell.angle_gamma   90.00
#
_symmetry.space_group_name_H-M   'P 21 3'
#
loop_
_entity.id
_entity.type
_entity.pdbx_description
1 polymer 'CCR4-NOT transcription complex subunit 1'
2 polymer Tristetraprolin
3 water water
#
loop_
_entity_poly.entity_id
_entity_poly.type
_entity_poly.pdbx_seq_one_letter_code
_entity_poly.pdbx_strand_id
1 'polypeptide(L)'
;SGFNNDPFVQRKLGTSGLNQPTFQQTDLSQVWPEANQHFSKEIDDEANSYFQRIYNHPPHPTMSVDEVLEMLQRFKDSTI
KREREVFNCMLRNLFEEYRFFPQYPDKELHITACLFGGIIEKGLVTYMALGLALRYVLEALRKPFGSKMYYFGIAALDRF
KNRLKDYPQYCQHLASISHFMQFPHHLQEYIEYGQQSRDPPVK
;
A
2 'polypeptide(L)' APRRLPIFNRISVSE B
#
# COMPACT_ATOMS: atom_id res chain seq x y z
N GLN A 24 -13.90 6.26 12.83
CA GLN A 24 -12.66 6.57 13.53
C GLN A 24 -11.66 5.42 13.38
N GLN A 25 -11.64 4.49 14.35
CA GLN A 25 -10.80 3.31 14.26
C GLN A 25 -11.37 2.37 13.20
N THR A 26 -10.61 2.12 12.14
CA THR A 26 -11.04 1.13 11.16
C THR A 26 -10.66 -0.23 11.69
N ASP A 27 -11.30 -1.27 11.16
CA ASP A 27 -11.07 -2.61 11.64
C ASP A 27 -11.17 -3.51 10.42
N LEU A 28 -10.05 -4.04 9.98
CA LEU A 28 -10.03 -4.84 8.76
C LEU A 28 -9.81 -6.32 9.08
N SER A 29 -10.22 -6.71 10.29
CA SER A 29 -10.04 -8.08 10.74
C SER A 29 -10.92 -9.08 10.00
N GLN A 30 -11.93 -8.60 9.27
CA GLN A 30 -12.75 -9.53 8.53
C GLN A 30 -11.98 -10.03 7.31
N VAL A 31 -11.03 -9.23 6.82
CA VAL A 31 -10.19 -9.63 5.68
C VAL A 31 -8.98 -10.43 6.21
N TRP A 32 -8.37 -9.91 7.28
CA TRP A 32 -7.11 -10.45 7.84
C TRP A 32 -7.35 -10.70 9.33
N PRO A 33 -7.78 -11.92 9.67
CA PRO A 33 -8.19 -12.18 11.05
C PRO A 33 -7.09 -11.99 12.08
N GLU A 34 -7.49 -11.64 13.30
CA GLU A 34 -6.53 -11.50 14.38
C GLU A 34 -5.98 -12.87 14.67
N ALA A 35 -4.73 -12.89 15.12
CA ALA A 35 -4.02 -14.13 15.39
C ALA A 35 -4.62 -14.78 16.60
N ASN A 36 -4.49 -16.10 16.66
CA ASN A 36 -4.85 -16.82 17.86
C ASN A 36 -4.06 -16.22 19.01
N GLN A 37 -4.74 -16.08 20.15
CA GLN A 37 -4.18 -15.46 21.36
C GLN A 37 -2.88 -16.10 21.81
N HIS A 38 -2.71 -17.39 21.52
CA HIS A 38 -1.56 -18.13 22.02
C HIS A 38 -0.23 -17.51 21.56
N PHE A 39 -0.18 -17.01 20.32
CA PHE A 39 1.08 -16.45 19.83
C PHE A 39 0.92 -15.05 19.26
N SER A 40 -0.11 -14.35 19.66
CA SER A 40 -0.31 -13.01 19.14
C SER A 40 0.84 -12.05 19.46
N LYS A 41 1.48 -12.18 20.61
CA LYS A 41 2.61 -11.31 20.94
C LYS A 41 3.73 -11.53 19.95
N GLU A 42 4.01 -12.79 19.65
CA GLU A 42 5.13 -13.10 18.76
C GLU A 42 4.87 -12.72 17.32
N ILE A 43 3.64 -12.92 16.86
CA ILE A 43 3.23 -12.47 15.54
C ILE A 43 3.36 -10.95 15.39
N ASP A 44 2.87 -10.20 16.37
CA ASP A 44 2.99 -8.75 16.34
C ASP A 44 4.48 -8.37 16.27
N ASP A 45 5.31 -9.03 17.09
CA ASP A 45 6.73 -8.67 17.15
C ASP A 45 7.44 -8.98 15.83
N GLU A 46 7.04 -10.07 15.20
CA GLU A 46 7.59 -10.42 13.89
C GLU A 46 7.16 -9.43 12.82
N ALA A 47 5.87 -9.08 12.81
CA ALA A 47 5.39 -8.08 11.87
C ALA A 47 6.13 -6.77 12.11
N ASN A 48 6.25 -6.38 13.37
CA ASN A 48 6.88 -5.12 13.72
C ASN A 48 8.32 -5.09 13.21
N SER A 49 9.02 -6.20 13.36
CA SER A 49 10.40 -6.35 12.87
C SER A 49 10.52 -6.18 11.36
N TYR A 50 9.60 -6.73 10.59
CA TYR A 50 9.68 -6.56 9.14
C TYR A 50 9.51 -5.07 8.79
N PHE A 51 8.56 -4.41 9.44
CA PHE A 51 8.37 -2.98 9.18
C PHE A 51 9.57 -2.16 9.65
N GLN A 52 10.15 -2.53 10.80
CA GLN A 52 11.33 -1.83 11.29
C GLN A 52 12.42 -1.90 10.21
N ARG A 53 12.60 -3.07 9.61
CA ARG A 53 13.62 -3.23 8.59
C ARG A 53 13.29 -2.51 7.29
N ILE A 54 12.03 -2.48 6.87
CA ILE A 54 11.72 -1.73 5.65
C ILE A 54 11.95 -0.22 5.84
N TYR A 55 11.84 0.29 7.07
CA TYR A 55 12.04 1.71 7.35
C TYR A 55 13.42 2.09 7.86
N ASN A 56 14.26 1.08 8.12
CA ASN A 56 15.58 1.31 8.69
C ASN A 56 16.55 1.94 7.68
N HIS A 57 17.61 2.51 8.22
CA HIS A 57 18.74 2.94 7.40
C HIS A 57 20.03 2.29 7.89
N PRO A 58 21.03 2.12 7.00
CA PRO A 58 22.29 1.54 7.47
C PRO A 58 22.83 2.36 8.62
N PRO A 59 23.48 1.73 9.59
CA PRO A 59 23.95 0.34 9.59
C PRO A 59 22.96 -0.65 10.15
N HIS A 60 21.74 -0.21 10.37
CA HIS A 60 20.70 -1.07 10.92
CA HIS A 60 20.70 -1.08 10.91
C HIS A 60 20.19 -2.00 9.82
N PRO A 61 19.77 -3.19 10.19
CA PRO A 61 19.33 -4.11 9.15
C PRO A 61 18.15 -3.60 8.33
N THR A 62 18.20 -3.80 7.01
CA THR A 62 17.16 -3.33 6.14
C THR A 62 16.62 -4.46 5.27
N MET A 63 15.43 -4.20 4.72
CA MET A 63 14.87 -4.98 3.64
C MET A 63 14.31 -3.99 2.66
N SER A 64 14.46 -4.28 1.38
CA SER A 64 13.87 -3.45 0.36
C SER A 64 12.38 -3.73 0.25
N VAL A 65 11.68 -2.84 -0.44
CA VAL A 65 10.28 -3.05 -0.70
C VAL A 65 10.09 -4.33 -1.50
N ASP A 66 10.93 -4.57 -2.50
CA ASP A 66 10.79 -5.78 -3.31
C ASP A 66 11.01 -7.02 -2.44
N GLU A 67 11.97 -6.99 -1.51
CA GLU A 67 12.20 -8.14 -0.60
C GLU A 67 10.98 -8.41 0.28
N VAL A 68 10.38 -7.34 0.79
CA VAL A 68 9.19 -7.51 1.63
C VAL A 68 8.03 -8.05 0.81
N LEU A 69 7.86 -7.56 -0.43
CA LEU A 69 6.81 -8.07 -1.31
C LEU A 69 6.98 -9.54 -1.65
N GLU A 70 8.22 -9.97 -1.87
CA GLU A 70 8.53 -11.36 -2.18
C GLU A 70 8.12 -12.24 -1.01
N MET A 71 8.45 -11.80 0.20
CA MET A 71 8.06 -12.54 1.37
C MET A 71 6.55 -12.59 1.54
N LEU A 72 5.89 -11.46 1.34
CA LEU A 72 4.45 -11.45 1.53
C LEU A 72 3.77 -12.36 0.52
N GLN A 73 4.28 -12.41 -0.71
CA GLN A 73 3.74 -13.35 -1.69
C GLN A 73 3.88 -14.81 -1.25
N ARG A 74 5.02 -15.17 -0.66
CA ARG A 74 5.19 -16.52 -0.12
C ARG A 74 4.26 -16.80 1.06
N PHE A 75 4.04 -15.80 1.90
CA PHE A 75 3.31 -16.03 3.13
C PHE A 75 1.80 -16.06 2.92
N LYS A 76 1.31 -15.29 1.94
CA LYS A 76 -0.12 -15.01 1.83
C LYS A 76 -0.99 -16.23 1.88
N ASP A 77 -0.64 -17.20 1.06
CA ASP A 77 -1.42 -18.44 1.02
C ASP A 77 -0.51 -19.62 1.35
N SER A 78 0.39 -19.39 2.31
CA SER A 78 1.23 -20.43 2.83
C SER A 78 0.39 -21.48 3.52
N THR A 79 0.86 -22.72 3.50
CA THR A 79 0.22 -23.77 4.23
C THR A 79 0.66 -23.79 5.68
N ILE A 80 1.58 -22.89 6.04
CA ILE A 80 2.08 -22.78 7.42
C ILE A 80 1.35 -21.64 8.12
N LYS A 81 0.65 -21.96 9.20
CA LYS A 81 -0.23 -21.00 9.83
C LYS A 81 0.57 -19.77 10.25
N ARG A 82 1.77 -19.95 10.80
CA ARG A 82 2.53 -18.83 11.32
C ARG A 82 2.85 -17.81 10.22
N GLU A 83 3.16 -18.30 9.03
CA GLU A 83 3.44 -17.43 7.90
C GLU A 83 2.20 -16.66 7.46
N ARG A 84 1.06 -17.35 7.34
CA ARG A 84 -0.17 -16.62 7.06
C ARG A 84 -0.51 -15.60 8.12
N GLU A 85 -0.24 -15.92 9.37
CA GLU A 85 -0.59 -15.02 10.47
C GLU A 85 0.24 -13.76 10.38
N VAL A 86 1.52 -13.88 10.07
CA VAL A 86 2.37 -12.70 9.93
C VAL A 86 1.97 -11.86 8.72
N PHE A 87 1.65 -12.49 7.58
CA PHE A 87 1.06 -11.81 6.44
C PHE A 87 -0.18 -11.02 6.87
N ASN A 88 -1.09 -11.69 7.55
CA ASN A 88 -2.35 -11.04 7.94
C ASN A 88 -2.09 -9.87 8.87
N CYS A 89 -1.18 -10.05 9.82
CA CYS A 89 -0.85 -8.99 10.76
C CYS A 89 -0.26 -7.78 10.04
N MET A 90 0.65 -8.03 9.10
CA MET A 90 1.26 -6.94 8.37
C MET A 90 0.25 -6.19 7.51
N LEU A 91 -0.55 -6.92 6.75
CA LEU A 91 -1.54 -6.23 5.89
C LEU A 91 -2.59 -5.49 6.71
N ARG A 92 -3.09 -6.12 7.75
CA ARG A 92 -4.12 -5.50 8.59
C ARG A 92 -3.59 -4.21 9.18
N ASN A 93 -2.39 -4.25 9.75
CA ASN A 93 -1.84 -3.06 10.35
C ASN A 93 -1.54 -2.00 9.31
N LEU A 94 -0.97 -2.38 8.17
CA LEU A 94 -0.68 -1.42 7.11
C LEU A 94 -1.93 -0.67 6.69
N PHE A 95 -3.01 -1.40 6.42
CA PHE A 95 -4.23 -0.78 5.98
C PHE A 95 -4.88 0.08 7.09
N GLU A 96 -4.84 -0.38 8.34
CA GLU A 96 -5.44 0.31 9.44
C GLU A 96 -4.64 1.59 9.78
N GLU A 97 -3.41 1.65 9.28
CA GLU A 97 -2.55 2.82 9.45
C GLU A 97 -2.85 3.97 8.51
N TYR A 98 -3.73 3.76 7.54
CA TYR A 98 -3.92 4.76 6.48
C TYR A 98 -4.21 6.16 7.06
N ARG A 99 -5.04 6.26 8.07
CA ARG A 99 -5.39 7.56 8.66
C ARG A 99 -4.19 8.29 9.30
N PHE A 100 -3.12 7.56 9.59
CA PHE A 100 -1.90 8.13 10.13
C PHE A 100 -0.83 8.42 9.08
N PHE A 101 -1.02 7.98 7.85
CA PHE A 101 0.02 8.19 6.83
C PHE A 101 0.42 9.68 6.70
N PRO A 102 -0.52 10.60 6.81
CA PRO A 102 -0.12 12.01 6.72
C PRO A 102 0.85 12.46 7.80
N GLN A 103 1.00 11.67 8.85
CA GLN A 103 1.87 11.98 9.99
C GLN A 103 3.24 11.36 9.79
N TYR A 104 3.41 10.54 8.75
CA TYR A 104 4.70 9.88 8.54
C TYR A 104 5.69 10.85 7.91
N PRO A 105 6.98 10.74 8.30
CA PRO A 105 8.00 11.52 7.62
C PRO A 105 8.05 11.13 6.15
N ASP A 106 8.53 12.04 5.32
CA ASP A 106 8.49 11.85 3.88
C ASP A 106 9.22 10.58 3.42
N LYS A 107 10.37 10.27 4.01
CA LYS A 107 11.11 9.09 3.59
C LYS A 107 10.29 7.81 3.83
N GLU A 108 9.77 7.68 5.05
CA GLU A 108 8.98 6.51 5.39
C GLU A 108 7.66 6.48 4.62
N LEU A 109 7.06 7.63 4.36
CA LEU A 109 5.81 7.65 3.60
C LEU A 109 6.02 7.15 2.19
N HIS A 110 7.14 7.52 1.60
CA HIS A 110 7.43 7.08 0.26
C HIS A 110 7.62 5.54 0.20
N ILE A 111 8.37 5.00 1.16
CA ILE A 111 8.55 3.56 1.25
C ILE A 111 7.16 2.90 1.40
N THR A 112 6.33 3.49 2.24
CA THR A 112 5.00 2.96 2.50
C THR A 112 4.19 2.94 1.21
N ALA A 113 4.31 4.03 0.42
CA ALA A 113 3.58 4.12 -0.84
C ALA A 113 3.98 3.02 -1.82
N CYS A 114 5.27 2.79 -1.91
CA CYS A 114 5.82 1.78 -2.83
C CYS A 114 5.33 0.41 -2.38
N LEU A 115 5.33 0.16 -1.08
CA LEU A 115 4.84 -1.12 -0.55
C LEU A 115 3.35 -1.30 -0.85
N PHE A 116 2.55 -0.27 -0.57
CA PHE A 116 1.10 -0.28 -0.76
C PHE A 116 0.76 -0.49 -2.26
N GLY A 117 1.42 0.24 -3.14
CA GLY A 117 1.21 0.01 -4.56
C GLY A 117 1.69 -1.34 -5.01
N GLY A 118 2.78 -1.83 -4.46
CA GLY A 118 3.29 -3.15 -4.80
C GLY A 118 2.33 -4.28 -4.39
N ILE A 119 1.65 -4.10 -3.26
CA ILE A 119 0.68 -5.08 -2.78
C ILE A 119 -0.47 -5.22 -3.80
N ILE A 120 -0.90 -4.07 -4.35
CA ILE A 120 -1.91 -4.08 -5.40
C ILE A 120 -1.32 -4.73 -6.67
N GLU A 121 -0.14 -4.30 -7.07
CA GLU A 121 0.51 -4.82 -8.27
C GLU A 121 0.65 -6.33 -8.28
N LYS A 122 1.05 -6.89 -7.15
CA LYS A 122 1.31 -8.31 -7.06
C LYS A 122 0.09 -9.13 -6.70
N GLY A 123 -1.06 -8.50 -6.61
CA GLY A 123 -2.30 -9.22 -6.35
C GLY A 123 -2.37 -9.82 -4.95
N LEU A 124 -1.76 -9.12 -4.00
CA LEU A 124 -1.77 -9.58 -2.62
C LEU A 124 -3.02 -9.19 -1.87
N VAL A 125 -3.82 -8.33 -2.48
CA VAL A 125 -5.19 -8.05 -2.03
C VAL A 125 -6.18 -8.21 -3.18
N THR A 126 -7.32 -8.85 -2.87
CA THR A 126 -8.38 -9.12 -3.85
C THR A 126 -9.76 -8.81 -3.26
N TYR A 127 -10.74 -8.55 -4.12
CA TYR A 127 -12.10 -8.28 -3.66
C TYR A 127 -12.13 -7.07 -2.74
N MET A 128 -12.79 -7.17 -1.57
CA MET A 128 -13.04 -6.02 -0.73
C MET A 128 -11.76 -5.23 -0.50
N ALA A 129 -10.70 -5.93 -0.14
CA ALA A 129 -9.46 -5.26 0.20
C ALA A 129 -8.82 -4.60 -1.01
N LEU A 130 -8.95 -5.20 -2.20
CA LEU A 130 -8.46 -4.54 -3.41
C LEU A 130 -9.22 -3.24 -3.68
N GLY A 131 -10.52 -3.27 -3.52
CA GLY A 131 -11.34 -2.08 -3.72
C GLY A 131 -10.96 -1.00 -2.71
N LEU A 132 -10.69 -1.41 -1.48
CA LEU A 132 -10.28 -0.47 -0.43
C LEU A 132 -8.93 0.12 -0.77
N ALA A 133 -7.98 -0.72 -1.18
CA ALA A 133 -6.66 -0.26 -1.57
C ALA A 133 -6.75 0.79 -2.69
N LEU A 134 -7.54 0.48 -3.72
CA LEU A 134 -7.71 1.40 -4.83
C LEU A 134 -8.31 2.71 -4.34
N ARG A 135 -9.27 2.63 -3.44
CA ARG A 135 -9.93 3.82 -2.90
C ARG A 135 -8.91 4.66 -2.12
N TYR A 136 -8.08 4.02 -1.30
CA TYR A 136 -7.07 4.74 -0.55
C TYR A 136 -6.08 5.45 -1.46
N VAL A 137 -5.69 4.83 -2.56
CA VAL A 137 -4.82 5.51 -3.53
C VAL A 137 -5.54 6.72 -4.15
N LEU A 138 -6.79 6.53 -4.55
CA LEU A 138 -7.54 7.59 -5.21
C LEU A 138 -7.71 8.76 -4.24
N GLU A 139 -8.06 8.49 -2.98
CA GLU A 139 -8.24 9.57 -2.02
C GLU A 139 -6.94 10.34 -1.78
N ALA A 140 -5.83 9.66 -1.83
CA ALA A 140 -4.51 10.29 -1.65
C ALA A 140 -4.20 11.19 -2.84
N LEU A 141 -4.49 10.71 -4.04
CA LEU A 141 -4.28 11.51 -5.25
C LEU A 141 -5.14 12.75 -5.29
N ARG A 142 -6.26 12.73 -4.60
CA ARG A 142 -7.15 13.91 -4.49
C ARG A 142 -6.66 14.99 -3.55
N LYS A 143 -5.67 14.67 -2.72
CA LYS A 143 -5.12 15.64 -1.78
C LYS A 143 -4.34 16.67 -2.62
N PRO A 144 -3.94 17.80 -2.01
CA PRO A 144 -3.43 18.90 -2.83
C PRO A 144 -2.24 18.44 -3.68
N PHE A 145 -2.18 18.93 -4.91
CA PHE A 145 -1.03 18.66 -5.75
C PHE A 145 0.23 19.10 -5.02
N GLY A 146 1.24 18.21 -5.02
CA GLY A 146 2.51 18.53 -4.40
C GLY A 146 2.59 18.19 -2.92
N SER A 147 1.46 17.79 -2.31
CA SER A 147 1.44 17.37 -0.90
C SER A 147 2.02 15.97 -0.71
N LYS A 148 2.35 15.64 0.53
CA LYS A 148 2.93 14.33 0.81
C LYS A 148 1.99 13.23 0.43
N MET A 149 0.70 13.41 0.69
CA MET A 149 -0.23 12.34 0.34
C MET A 149 -0.47 12.25 -1.16
N TYR A 150 -0.49 13.38 -1.87
CA TYR A 150 -0.50 13.35 -3.32
C TYR A 150 0.65 12.46 -3.84
N TYR A 151 1.85 12.69 -3.31
CA TYR A 151 3.00 11.90 -3.74
C TYR A 151 2.91 10.44 -3.29
N PHE A 152 2.28 10.17 -2.16
CA PHE A 152 2.00 8.78 -1.80
C PHE A 152 1.17 8.16 -2.91
N GLY A 153 0.16 8.90 -3.36
CA GLY A 153 -0.71 8.40 -4.39
C GLY A 153 0.00 8.11 -5.69
N ILE A 154 0.85 9.04 -6.10
CA ILE A 154 1.58 8.90 -7.35
C ILE A 154 2.53 7.71 -7.30
N ALA A 155 3.27 7.56 -6.20
CA ALA A 155 4.20 6.47 -6.06
C ALA A 155 3.49 5.12 -6.03
N ALA A 156 2.35 5.04 -5.33
CA ALA A 156 1.58 3.80 -5.27
C ALA A 156 1.04 3.45 -6.66
N LEU A 157 0.47 4.45 -7.31
CA LEU A 157 -0.12 4.25 -8.64
C LEU A 157 0.91 3.77 -9.63
N ASP A 158 2.13 4.32 -9.61
CA ASP A 158 3.16 3.91 -10.55
C ASP A 158 3.50 2.43 -10.42
N ARG A 159 3.37 1.87 -9.21
CA ARG A 159 3.66 0.45 -9.04
C ARG A 159 2.64 -0.48 -9.71
N PHE A 160 1.36 -0.10 -9.70
CA PHE A 160 0.30 -0.98 -10.24
C PHE A 160 -0.32 -0.49 -11.55
N LYS A 161 0.36 0.43 -12.23
CA LYS A 161 -0.20 1.01 -13.43
C LYS A 161 -0.52 -0.04 -14.49
N ASN A 162 0.21 -1.16 -14.53
CA ASN A 162 -0.08 -2.19 -15.54
C ASN A 162 -1.43 -2.93 -15.31
N ARG A 163 -2.04 -2.70 -14.14
CA ARG A 163 -3.37 -3.23 -13.82
C ARG A 163 -4.52 -2.27 -14.13
N LEU A 164 -4.20 -1.03 -14.45
CA LEU A 164 -5.27 -0.03 -14.58
C LEU A 164 -6.28 -0.39 -15.68
N LYS A 165 -5.84 -1.01 -16.76
CA LYS A 165 -6.73 -1.37 -17.86
C LYS A 165 -7.77 -2.40 -17.45
N ASP A 166 -7.56 -3.04 -16.30
CA ASP A 166 -8.54 -3.98 -15.77
C ASP A 166 -9.62 -3.29 -14.94
N TYR A 167 -9.44 -2.00 -14.69
CA TYR A 167 -10.34 -1.22 -13.84
C TYR A 167 -10.75 0.08 -14.54
N PRO A 168 -11.47 -0.03 -15.65
CA PRO A 168 -11.82 1.16 -16.42
C PRO A 168 -12.63 2.19 -15.66
N GLN A 169 -13.55 1.79 -14.79
CA GLN A 169 -14.33 2.78 -14.06
C GLN A 169 -13.43 3.54 -13.06
N TYR A 170 -12.51 2.82 -12.43
CA TYR A 170 -11.52 3.42 -11.55
C TYR A 170 -10.71 4.46 -12.35
N CYS A 171 -10.30 4.10 -13.56
CA CYS A 171 -9.59 5.05 -14.39
C CYS A 171 -10.40 6.30 -14.69
N GLN A 172 -11.70 6.14 -14.95
CA GLN A 172 -12.55 7.30 -15.15
C GLN A 172 -12.51 8.23 -13.93
N HIS A 173 -12.55 7.64 -12.73
CA HIS A 173 -12.50 8.42 -11.50
C HIS A 173 -11.18 9.15 -11.34
N LEU A 174 -10.08 8.48 -11.69
CA LEU A 174 -8.78 9.12 -11.65
C LEU A 174 -8.72 10.32 -12.59
N ALA A 175 -9.23 10.13 -13.80
CA ALA A 175 -9.17 11.17 -14.82
C ALA A 175 -9.98 12.40 -14.46
N SER A 176 -10.95 12.20 -13.58
CA SER A 176 -11.87 13.26 -13.14
CA SER A 176 -11.87 13.26 -13.14
C SER A 176 -11.32 14.07 -11.96
N ILE A 177 -10.17 13.66 -11.44
CA ILE A 177 -9.55 14.40 -10.35
C ILE A 177 -9.23 15.82 -10.82
N SER A 178 -9.47 16.82 -9.98
CA SER A 178 -9.39 18.19 -10.46
C SER A 178 -8.00 18.57 -10.97
N HIS A 179 -6.93 17.97 -10.44
CA HIS A 179 -5.57 18.22 -10.91
C HIS A 179 -4.94 17.04 -11.65
N PHE A 180 -5.79 16.23 -12.29
CA PHE A 180 -5.33 15.15 -13.17
C PHE A 180 -4.37 15.66 -14.21
N MET A 181 -4.63 16.85 -14.74
CA MET A 181 -3.77 17.41 -15.77
C MET A 181 -2.34 17.66 -15.30
N GLN A 182 -2.13 17.66 -13.98
CA GLN A 182 -0.79 17.82 -13.42
C GLN A 182 -0.05 16.49 -13.14
N PHE A 183 -0.73 15.35 -13.33
CA PHE A 183 -0.09 14.05 -13.13
C PHE A 183 1.07 13.88 -14.12
N PRO A 184 2.03 13.02 -13.78
CA PRO A 184 3.07 12.67 -14.76
C PRO A 184 2.45 12.18 -16.06
N HIS A 185 3.10 12.53 -17.16
CA HIS A 185 2.60 12.24 -18.50
C HIS A 185 2.27 10.76 -18.65
N HIS A 186 3.18 9.88 -18.27
CA HIS A 186 2.95 8.46 -18.52
C HIS A 186 1.76 7.95 -17.76
N LEU A 187 1.54 8.48 -16.56
CA LEU A 187 0.38 8.09 -15.77
C LEU A 187 -0.91 8.56 -16.41
N GLN A 188 -0.92 9.78 -16.97
CA GLN A 188 -2.07 10.25 -17.73
CA GLN A 188 -2.07 10.24 -17.74
C GLN A 188 -2.39 9.28 -18.86
N GLU A 189 -1.37 8.83 -19.58
CA GLU A 189 -1.56 7.86 -20.65
C GLU A 189 -2.11 6.55 -20.13
N TYR A 190 -1.49 5.99 -19.08
CA TYR A 190 -1.99 4.74 -18.56
C TYR A 190 -3.45 4.85 -18.11
N ILE A 191 -3.79 5.96 -17.47
CA ILE A 191 -5.14 6.13 -16.97
C ILE A 191 -6.13 6.27 -18.12
N GLU A 192 -5.81 7.10 -19.10
CA GLU A 192 -6.78 7.35 -20.19
C GLU A 192 -7.00 6.14 -21.05
N TYR A 193 -5.91 5.45 -21.40
CA TYR A 193 -6.05 4.21 -22.15
C TYR A 193 -6.71 3.15 -21.29
N GLY A 194 -6.45 3.17 -19.98
CA GLY A 194 -7.09 2.23 -19.07
C GLY A 194 -8.60 2.41 -19.02
N GLN A 195 -9.07 3.64 -19.12
CA GLN A 195 -10.51 3.89 -19.25
C GLN A 195 -11.12 3.14 -20.40
N GLN A 196 -10.33 2.94 -21.45
CA GLN A 196 -10.77 2.20 -22.62
C GLN A 196 -10.40 0.72 -22.54
N SER A 197 -10.00 0.24 -21.37
CA SER A 197 -9.58 -1.14 -21.17
C SER A 197 -8.38 -1.51 -22.05
N ARG A 198 -7.51 -0.53 -22.29
CA ARG A 198 -6.36 -0.71 -23.19
C ARG A 198 -5.05 -0.38 -22.48
N ASP A 199 -3.98 -1.00 -22.94
CA ASP A 199 -2.64 -0.56 -22.62
C ASP A 199 -2.43 0.84 -23.24
N PRO A 200 -1.54 1.64 -22.65
CA PRO A 200 -1.07 2.83 -23.37
C PRO A 200 -0.19 2.44 -24.56
N PRO A 201 0.12 3.41 -25.43
CA PRO A 201 0.77 3.10 -26.70
C PRO A 201 2.16 2.49 -26.54
N VAL A 202 2.82 2.89 -25.47
CA VAL A 202 4.06 2.22 -25.00
C VAL A 202 4.01 2.06 -23.49
N LYS A 203 4.62 1.01 -22.96
CA LYS A 203 4.50 0.81 -21.51
C LYS A 203 5.71 1.34 -20.70
N ARG B 3 -4.53 -0.44 18.67
CA ARG B 3 -3.85 -1.72 18.43
C ARG B 3 -2.49 -1.56 17.71
N ARG B 4 -1.98 -0.33 17.61
CA ARG B 4 -0.86 -0.06 16.70
C ARG B 4 0.45 -0.75 17.06
N LEU B 5 1.17 -1.18 16.03
CA LEU B 5 2.48 -1.78 16.24
C LEU B 5 3.46 -0.65 16.66
N PRO B 6 4.42 -0.96 17.52
CA PRO B 6 5.32 0.08 18.03
C PRO B 6 6.01 0.87 16.95
N ILE B 7 6.38 0.22 15.85
CA ILE B 7 7.11 0.90 14.77
C ILE B 7 6.31 2.08 14.22
N PHE B 8 4.98 1.93 14.16
CA PHE B 8 4.16 3.00 13.61
C PHE B 8 3.96 4.15 14.59
N ASN B 9 3.84 3.82 15.87
CA ASN B 9 3.81 4.82 16.90
C ASN B 9 5.08 5.64 16.81
N ARG B 10 6.19 4.94 16.54
CA ARG B 10 7.51 5.58 16.54
C ARG B 10 7.67 6.57 15.39
N ILE B 11 7.27 6.19 14.19
CA ILE B 11 7.56 7.05 13.04
C ILE B 11 6.55 8.18 12.92
N SER B 12 5.35 7.95 13.44
CA SER B 12 4.26 8.95 13.41
C SER B 12 4.54 10.21 14.22
N VAL B 13 4.41 11.36 13.58
CA VAL B 13 4.42 12.65 14.28
C VAL B 13 2.98 13.07 14.58
N SER B 14 2.56 12.90 15.82
CA SER B 14 1.17 13.15 16.21
C SER B 14 1.01 14.56 16.75
#